data_2XHA
#
_entry.id   2XHA
#
_cell.length_a   136.350
_cell.length_b   42.264
_cell.length_c   88.360
_cell.angle_alpha   90.00
_cell.angle_beta   106.56
_cell.angle_gamma   90.00
#
_symmetry.space_group_name_H-M   'C 1 2 1'
#
loop_
_entity.id
_entity.type
_entity.pdbx_description
1 polymer 'TRANSCRIPTION ANTITERMINATION PROTEIN NUSG'
2 non-polymer 'ACETATE ION'
3 water water
#
_entity_poly.entity_id   1
_entity_poly.type   'polypeptide(L)'
_entity_poly.pdbx_seq_one_letter_code
;PEEVVLDATSPSERLILSPKAKLHVNNGKDVNKGDLIAEEPPIYARRSGVIVDVKNVRKIVVETIDRKYTKTYYIPESAG
IEPGLRVGTKVKQGLPLSKNEEYICELDGKIVEIERMKKVVVQTPDGEQDVYYIPLDVFDRDRIKKGKEVKQGEMLAEAR
KFFAKVSGRVEVVDYSTRKEIRIYKTKRRKLFP
;
_entity_poly.pdbx_strand_id   A,B
#
# COMPACT_ATOMS: atom_id res chain seq x y z
N PRO A 1 26.09 -40.08 15.63
CA PRO A 1 25.11 -39.57 16.59
C PRO A 1 24.00 -40.59 16.83
N GLU A 2 24.30 -41.85 16.53
CA GLU A 2 23.33 -42.94 16.60
C GLU A 2 22.28 -42.90 15.49
N GLU A 3 21.74 -41.71 15.23
CA GLU A 3 20.82 -41.56 14.08
C GLU A 3 21.46 -40.59 13.11
N VAL A 4 21.28 -40.83 11.81
CA VAL A 4 21.89 -39.98 10.81
C VAL A 4 20.85 -39.61 9.75
N VAL A 5 21.15 -38.57 8.98
CA VAL A 5 20.30 -38.21 7.84
C VAL A 5 21.08 -38.60 6.58
N LEU A 6 20.45 -39.36 5.69
CA LEU A 6 21.08 -39.74 4.43
C LEU A 6 21.08 -38.53 3.49
N ASP A 7 22.17 -38.36 2.75
CA ASP A 7 22.26 -37.29 1.79
C ASP A 7 21.15 -37.35 0.72
N ALA A 8 20.57 -38.52 0.53
CA ALA A 8 19.48 -38.68 -0.44
C ALA A 8 18.09 -38.29 0.11
N THR A 9 18.00 -38.09 1.42
CA THR A 9 16.72 -37.79 2.06
C THR A 9 16.24 -36.37 1.78
N SER A 10 14.98 -36.23 1.35
CA SER A 10 14.41 -34.90 1.17
C SER A 10 13.66 -34.50 2.43
N PRO A 11 13.55 -33.20 2.69
CA PRO A 11 12.98 -32.72 3.97
C PRO A 11 11.51 -33.16 4.10
N SER A 12 11.07 -33.51 5.31
CA SER A 12 9.65 -33.74 5.57
C SER A 12 8.87 -32.44 5.86
N GLU A 13 9.60 -31.39 6.22
CA GLU A 13 9.01 -30.05 6.31
C GLU A 13 10.05 -29.08 5.86
N ARG A 14 9.62 -28.12 5.06
CA ARG A 14 10.49 -27.03 4.65
C ARG A 14 9.76 -25.72 4.94
N LEU A 15 10.14 -25.09 6.05
CA LEU A 15 9.41 -23.91 6.50
C LEU A 15 10.11 -22.65 5.99
N ILE A 16 9.38 -21.79 5.29
CA ILE A 16 9.93 -20.55 4.72
C ILE A 16 9.55 -19.37 5.60
N LEU A 17 10.52 -18.53 5.97
CA LEU A 17 10.28 -17.52 6.99
C LEU A 17 10.86 -16.18 6.56
N SER A 18 10.36 -15.12 7.18
CA SER A 18 10.87 -13.79 6.94
C SER A 18 12.30 -13.71 7.45
N PRO A 19 13.13 -12.87 6.82
CA PRO A 19 14.49 -12.65 7.30
C PRO A 19 14.53 -12.05 8.73
N LYS A 20 13.40 -11.56 9.24
CA LYS A 20 13.37 -11.05 10.62
C LYS A 20 13.02 -12.14 11.65
N ALA A 21 12.74 -13.33 11.16
CA ALA A 21 12.29 -14.39 12.07
C ALA A 21 13.36 -14.76 13.11
N LYS A 22 12.91 -15.03 14.32
CA LYS A 22 13.79 -15.53 15.37
C LYS A 22 13.75 -17.05 15.32
N LEU A 23 14.91 -17.68 15.15
CA LEU A 23 14.96 -19.14 15.08
C LEU A 23 15.17 -19.72 16.47
N HIS A 24 14.49 -20.83 16.77
CA HIS A 24 14.62 -21.45 18.07
C HIS A 24 15.34 -22.80 18.00
N VAL A 25 15.94 -23.06 16.84
CA VAL A 25 16.71 -24.28 16.61
C VAL A 25 17.99 -23.93 15.88
N ASN A 26 18.94 -24.85 15.87
CA ASN A 26 20.18 -24.65 15.13
C ASN A 26 20.50 -25.85 14.28
N ASN A 27 21.43 -25.69 13.34
CA ASN A 27 21.87 -26.79 12.48
C ASN A 27 22.18 -28.06 13.25
N GLY A 28 21.55 -29.16 12.89
CA GLY A 28 21.91 -30.44 13.45
C GLY A 28 21.09 -30.83 14.67
N LYS A 29 20.26 -29.91 15.15
CA LYS A 29 19.45 -30.19 16.32
C LYS A 29 18.31 -31.15 15.99
N ASP A 30 18.06 -32.14 16.85
CA ASP A 30 16.89 -33.00 16.71
C ASP A 30 15.69 -32.33 17.37
N VAL A 31 14.55 -32.34 16.70
CA VAL A 31 13.34 -31.78 17.29
C VAL A 31 12.25 -32.81 17.24
N ASN A 32 11.28 -32.63 18.13
CA ASN A 32 10.09 -33.45 18.17
C ASN A 32 8.91 -32.72 17.57
N LYS A 33 8.05 -33.44 16.86
CA LYS A 33 6.82 -32.87 16.39
C LYS A 33 6.17 -32.02 17.50
N GLY A 34 5.79 -30.79 17.19
CA GLY A 34 5.19 -29.91 18.18
C GLY A 34 6.12 -28.98 18.94
N ASP A 35 7.44 -29.13 18.79
CA ASP A 35 8.38 -28.22 19.46
C ASP A 35 8.35 -26.86 18.79
N LEU A 36 8.51 -25.80 19.58
CA LEU A 36 8.67 -24.47 18.99
C LEU A 36 9.95 -24.43 18.14
N ILE A 37 9.89 -23.96 16.90
CA ILE A 37 11.12 -23.82 16.10
C ILE A 37 11.43 -22.41 15.62
N ALA A 38 10.43 -21.54 15.59
CA ALA A 38 10.66 -20.19 15.12
C ALA A 38 9.54 -19.25 15.54
N GLU A 39 9.83 -17.96 15.47
CA GLU A 39 8.82 -16.93 15.74
C GLU A 39 9.04 -15.77 14.79
N GLU A 40 7.98 -15.32 14.12
N GLU A 40 7.99 -15.34 14.09
CA GLU A 40 8.08 -14.05 13.39
CA GLU A 40 8.06 -14.04 13.41
C GLU A 40 7.67 -12.91 14.32
C GLU A 40 7.82 -12.97 14.46
N PRO A 41 8.39 -11.79 14.26
CA PRO A 41 8.13 -10.69 15.20
C PRO A 41 6.75 -10.06 14.98
N PRO A 42 6.26 -9.33 15.99
CA PRO A 42 4.99 -8.64 15.90
C PRO A 42 5.00 -7.68 14.74
N ILE A 43 3.82 -7.32 14.27
CA ILE A 43 3.67 -6.37 13.21
C ILE A 43 3.21 -5.04 13.84
N TYR A 44 4.00 -3.99 13.63
CA TYR A 44 3.72 -2.64 14.12
C TYR A 44 3.38 -1.63 13.02
N ALA A 45 2.48 -0.69 13.34
CA ALA A 45 2.10 0.40 12.44
C ALA A 45 3.28 1.30 12.21
N ARG A 46 3.65 1.52 10.95
CA ARG A 46 4.75 2.43 10.69
C ARG A 46 4.36 3.93 10.87
N ARG A 47 3.10 4.24 10.60
CA ARG A 47 2.58 5.61 10.65
C ARG A 47 1.17 5.61 11.18
N SER A 48 0.78 6.70 11.86
CA SER A 48 -0.58 6.80 12.35
C SER A 48 -1.52 6.97 11.17
N GLY A 49 -2.75 6.51 11.32
CA GLY A 49 -3.73 6.69 10.28
C GLY A 49 -4.99 5.92 10.59
N VAL A 50 -5.84 5.74 9.58
CA VAL A 50 -7.07 5.00 9.74
C VAL A 50 -7.07 3.80 8.79
N ILE A 51 -7.60 2.67 9.26
CA ILE A 51 -7.70 1.50 8.40
C ILE A 51 -8.80 1.70 7.37
N VAL A 52 -8.42 1.68 6.09
CA VAL A 52 -9.38 1.94 5.04
C VAL A 52 -9.76 0.67 4.28
N ASP A 53 -9.01 -0.40 4.47
CA ASP A 53 -9.38 -1.64 3.79
C ASP A 53 -8.82 -2.81 4.54
N VAL A 54 -9.61 -3.87 4.59
CA VAL A 54 -9.16 -5.16 5.12
C VAL A 54 -9.68 -6.21 4.13
N LYS A 55 -8.76 -6.91 3.47
CA LYS A 55 -9.14 -7.78 2.36
C LYS A 55 -8.52 -9.16 2.48
N ASN A 56 -9.29 -10.21 2.16
CA ASN A 56 -8.74 -11.57 2.19
C ASN A 56 -7.84 -11.80 0.99
N VAL A 57 -6.60 -12.24 1.23
CA VAL A 57 -5.68 -12.54 0.14
C VAL A 57 -4.97 -13.86 0.41
N ARG A 58 -4.39 -14.43 -0.64
CA ARG A 58 -3.58 -15.63 -0.50
C ARG A 58 -2.18 -15.28 -0.93
N LYS A 59 -1.20 -15.52 -0.07
CA LYS A 59 0.18 -15.30 -0.48
C LYS A 59 0.67 -16.61 -1.06
N ILE A 60 1.20 -16.57 -2.30
CA ILE A 60 1.73 -17.78 -2.93
C ILE A 60 3.15 -17.51 -3.35
N VAL A 61 4.08 -18.33 -2.87
CA VAL A 61 5.48 -18.23 -3.27
C VAL A 61 5.85 -19.43 -4.13
N VAL A 62 6.43 -19.14 -5.29
CA VAL A 62 6.77 -20.17 -6.22
C VAL A 62 8.28 -20.12 -6.42
N GLU A 63 8.89 -21.28 -6.60
CA GLU A 63 10.35 -21.40 -6.73
C GLU A 63 10.68 -22.35 -7.88
N THR A 64 11.65 -21.99 -8.71
CA THR A 64 12.09 -22.89 -9.76
C THR A 64 12.71 -24.16 -9.16
N ILE A 65 12.68 -25.25 -9.92
CA ILE A 65 13.25 -26.51 -9.42
C ILE A 65 14.73 -26.37 -9.01
N ASP A 66 15.48 -25.57 -9.74
CA ASP A 66 16.90 -25.40 -9.42
C ASP A 66 17.09 -24.43 -8.25
N ARG A 67 16.01 -23.76 -7.87
CA ARG A 67 16.01 -22.87 -6.72
C ARG A 67 16.72 -21.55 -6.97
N LYS A 68 17.09 -21.30 -8.21
CA LYS A 68 17.68 -20.02 -8.56
C LYS A 68 16.70 -18.83 -8.41
N TYR A 69 15.42 -19.05 -8.71
CA TYR A 69 14.47 -17.93 -8.71
C TYR A 69 13.19 -18.21 -7.92
N THR A 70 12.66 -17.18 -7.27
CA THR A 70 11.36 -17.28 -6.62
C THR A 70 10.51 -16.08 -7.00
N LYS A 71 9.20 -16.22 -6.93
CA LYS A 71 8.30 -15.09 -7.07
C LYS A 71 7.26 -15.23 -5.97
N THR A 72 6.81 -14.09 -5.43
CA THR A 72 5.79 -14.04 -4.42
C THR A 72 4.61 -13.25 -4.91
N TYR A 73 3.42 -13.85 -4.83
CA TYR A 73 2.21 -13.23 -5.31
C TYR A 73 1.24 -13.02 -4.17
N TYR A 74 0.59 -11.87 -4.11
CA TYR A 74 -0.48 -11.67 -3.14
C TYR A 74 -1.75 -11.57 -3.94
N ILE A 75 -2.55 -12.63 -3.91
CA ILE A 75 -3.75 -12.70 -4.75
C ILE A 75 -5.03 -12.61 -3.93
N PRO A 76 -5.89 -11.65 -4.26
CA PRO A 76 -7.20 -11.48 -3.59
C PRO A 76 -7.99 -12.76 -3.72
N GLU A 77 -8.62 -13.22 -2.65
CA GLU A 77 -9.41 -14.45 -2.71
C GLU A 77 -10.55 -14.27 -3.72
N SER A 78 -10.97 -13.02 -3.91
CA SER A 78 -12.06 -12.76 -4.84
C SER A 78 -11.67 -13.06 -6.31
N ALA A 79 -10.37 -13.12 -6.61
CA ALA A 79 -9.95 -13.44 -7.98
C ALA A 79 -10.13 -14.92 -8.28
N GLY A 80 -10.34 -15.71 -7.22
CA GLY A 80 -10.65 -17.11 -7.38
C GLY A 80 -9.42 -18.00 -7.40
N ILE A 81 -9.16 -18.69 -6.30
CA ILE A 81 -7.99 -19.55 -6.22
C ILE A 81 -8.43 -21.02 -6.14
N GLU A 82 -7.87 -21.85 -7.02
N GLU A 82 -7.91 -21.85 -7.03
CA GLU A 82 -8.15 -23.29 -7.01
CA GLU A 82 -8.34 -23.27 -7.04
C GLU A 82 -7.91 -23.91 -5.63
C GLU A 82 -7.94 -23.95 -5.73
N PRO A 83 -8.88 -24.71 -5.15
CA PRO A 83 -8.65 -25.33 -3.84
C PRO A 83 -7.53 -26.37 -3.92
N GLY A 84 -7.14 -26.75 -5.13
CA GLY A 84 -6.11 -27.77 -5.29
C GLY A 84 -4.68 -27.24 -5.20
N LEU A 85 -4.50 -25.92 -5.11
CA LEU A 85 -3.14 -25.39 -5.00
C LEU A 85 -2.66 -25.63 -3.58
N ARG A 86 -1.50 -26.27 -3.42
CA ARG A 86 -0.95 -26.42 -2.07
C ARG A 86 0.57 -26.42 -2.15
N VAL A 87 1.22 -26.52 -1.00
CA VAL A 87 2.67 -26.70 -1.02
C VAL A 87 3.07 -27.95 -1.78
N GLY A 88 3.98 -27.80 -2.74
CA GLY A 88 4.44 -28.89 -3.58
C GLY A 88 3.78 -28.93 -4.94
N THR A 89 2.72 -28.16 -5.13
CA THR A 89 2.00 -28.18 -6.42
C THR A 89 2.93 -27.68 -7.53
N LYS A 90 3.00 -28.42 -8.63
CA LYS A 90 3.84 -28.03 -9.75
C LYS A 90 3.12 -26.96 -10.59
N VAL A 91 3.84 -25.90 -10.95
CA VAL A 91 3.23 -24.81 -11.70
C VAL A 91 4.07 -24.52 -12.95
N LYS A 92 3.42 -23.95 -13.96
CA LYS A 92 4.10 -23.67 -15.22
C LYS A 92 3.99 -22.18 -15.59
N GLN A 93 5.03 -21.67 -16.25
CA GLN A 93 5.08 -20.28 -16.64
C GLN A 93 3.95 -19.99 -17.61
N GLY A 94 3.23 -18.90 -17.40
CA GLY A 94 2.22 -18.49 -18.38
C GLY A 94 0.81 -18.99 -18.09
N LEU A 95 0.68 -19.87 -17.10
CA LEU A 95 -0.64 -20.36 -16.70
C LEU A 95 -1.19 -19.51 -15.53
N PRO A 96 -2.54 -19.34 -15.46
CA PRO A 96 -3.12 -18.46 -14.45
C PRO A 96 -3.08 -19.08 -13.05
N LEU A 97 -2.71 -18.28 -12.07
CA LEU A 97 -2.87 -18.66 -10.66
C LEU A 97 -4.22 -18.25 -10.09
N SER A 98 -4.99 -17.47 -10.85
CA SER A 98 -6.31 -17.05 -10.36
C SER A 98 -7.36 -17.41 -11.40
N LYS A 99 -8.58 -17.69 -10.94
CA LYS A 99 -9.65 -18.06 -11.86
C LYS A 99 -9.87 -16.97 -12.91
N ASN A 100 -9.82 -15.70 -12.51
CA ASN A 100 -10.09 -14.62 -13.47
C ASN A 100 -8.89 -14.32 -14.38
N GLU A 101 -7.81 -15.11 -14.26
CA GLU A 101 -6.61 -14.97 -15.09
C GLU A 101 -5.91 -13.61 -15.01
N GLU A 102 -6.16 -12.84 -13.96
CA GLU A 102 -5.43 -11.59 -13.73
C GLU A 102 -4.03 -11.82 -13.14
N TYR A 103 -3.85 -12.96 -12.48
CA TYR A 103 -2.55 -13.32 -11.91
C TYR A 103 -2.02 -14.48 -12.70
N ILE A 104 -0.89 -14.25 -13.37
CA ILE A 104 -0.25 -15.28 -14.18
C ILE A 104 1.07 -15.75 -13.56
N CYS A 105 1.29 -17.05 -13.54
CA CYS A 105 2.52 -17.58 -12.98
C CYS A 105 3.70 -17.26 -13.90
N GLU A 106 4.81 -16.80 -13.31
CA GLU A 106 5.94 -16.38 -14.13
C GLU A 106 7.12 -17.35 -14.19
N LEU A 107 7.03 -18.45 -13.45
CA LEU A 107 8.11 -19.44 -13.39
C LEU A 107 7.56 -20.84 -13.58
N ASP A 108 8.38 -21.72 -14.15
CA ASP A 108 8.15 -23.15 -14.05
C ASP A 108 8.76 -23.55 -12.73
N GLY A 109 8.00 -24.28 -11.90
CA GLY A 109 8.55 -24.69 -10.62
C GLY A 109 7.50 -25.31 -9.72
N LYS A 110 7.56 -24.96 -8.44
CA LYS A 110 6.64 -25.50 -7.46
C LYS A 110 6.26 -24.44 -6.44
N ILE A 111 5.06 -24.57 -5.90
CA ILE A 111 4.64 -23.71 -4.80
C ILE A 111 5.37 -24.18 -3.53
N VAL A 112 6.04 -23.26 -2.87
CA VAL A 112 6.77 -23.62 -1.65
C VAL A 112 6.13 -23.00 -0.41
N GLU A 113 5.24 -22.04 -0.62
CA GLU A 113 4.48 -21.43 0.48
C GLU A 113 3.13 -20.98 -0.06
N ILE A 114 2.06 -21.26 0.66
CA ILE A 114 0.76 -20.71 0.28
C ILE A 114 -0.04 -20.49 1.54
N GLU A 115 -0.42 -19.25 1.82
CA GLU A 115 -0.97 -18.92 3.14
C GLU A 115 -2.09 -17.91 3.04
N ARG A 116 -3.14 -18.08 3.86
CA ARG A 116 -4.23 -17.08 3.89
C ARG A 116 -3.81 -15.91 4.73
N MET A 117 -4.04 -14.70 4.23
N MET A 117 -4.01 -14.70 4.23
CA MET A 117 -3.66 -13.51 4.97
CA MET A 117 -3.66 -13.52 4.99
C MET A 117 -4.74 -12.45 4.83
C MET A 117 -4.63 -12.38 4.74
N LYS A 118 -4.61 -11.40 5.65
CA LYS A 118 -5.46 -10.22 5.52
C LYS A 118 -4.56 -9.07 5.06
N LYS A 119 -4.93 -8.47 3.95
CA LYS A 119 -4.27 -7.27 3.50
C LYS A 119 -4.89 -6.11 4.23
N VAL A 120 -4.09 -5.30 4.92
CA VAL A 120 -4.63 -4.19 5.68
C VAL A 120 -4.03 -2.89 5.17
N VAL A 121 -4.87 -1.92 4.82
CA VAL A 121 -4.38 -0.67 4.25
C VAL A 121 -4.67 0.45 5.23
N VAL A 122 -3.63 1.16 5.61
CA VAL A 122 -3.79 2.29 6.52
C VAL A 122 -3.50 3.56 5.74
N GLN A 123 -4.37 4.55 5.93
CA GLN A 123 -4.26 5.83 5.23
C GLN A 123 -3.99 6.93 6.23
N THR A 124 -2.92 7.66 5.99
CA THR A 124 -2.44 8.65 6.93
C THR A 124 -3.28 9.91 6.75
N PRO A 125 -3.24 10.80 7.73
CA PRO A 125 -4.08 12.01 7.67
C PRO A 125 -3.79 12.84 6.41
N ASP A 126 -2.56 12.80 5.90
CA ASP A 126 -2.26 13.60 4.70
C ASP A 126 -2.39 12.80 3.39
N GLY A 127 -3.02 11.64 3.45
CA GLY A 127 -3.41 10.95 2.25
C GLY A 127 -2.47 9.87 1.73
N GLU A 128 -1.42 9.52 2.48
CA GLU A 128 -0.56 8.41 2.03
C GLU A 128 -1.07 7.07 2.56
N GLN A 129 -0.63 5.98 1.95
CA GLN A 129 -1.07 4.65 2.38
C GLN A 129 0.11 3.73 2.66
N ASP A 130 -0.06 2.89 3.68
CA ASP A 130 0.85 1.80 3.99
C ASP A 130 0.04 0.53 3.87
N VAL A 131 0.65 -0.55 3.36
N VAL A 131 0.68 -0.55 3.40
CA VAL A 131 -0.04 -1.83 3.28
CA VAL A 131 0.03 -1.84 3.24
C VAL A 131 0.67 -2.88 4.13
C VAL A 131 0.69 -2.88 4.15
N TYR A 132 -0.12 -3.65 4.87
CA TYR A 132 0.39 -4.70 5.76
C TYR A 132 -0.27 -5.99 5.34
N TYR A 133 0.49 -7.08 5.36
CA TYR A 133 -0.11 -8.40 5.16
C TYR A 133 -0.02 -9.15 6.47
N ILE A 134 -1.17 -9.48 7.02
CA ILE A 134 -1.23 -10.12 8.33
C ILE A 134 -1.69 -11.58 8.22
N PRO A 135 -0.82 -12.52 8.65
CA PRO A 135 -1.19 -13.94 8.63
C PRO A 135 -2.46 -14.18 9.44
N LEU A 136 -3.35 -15.04 8.95
CA LEU A 136 -4.60 -15.28 9.66
C LEU A 136 -4.37 -15.74 11.10
N ASP A 137 -3.28 -16.47 11.34
CA ASP A 137 -2.96 -16.96 12.69
C ASP A 137 -2.84 -15.86 13.76
N VAL A 138 -2.48 -14.65 13.35
CA VAL A 138 -2.30 -13.57 14.30
C VAL A 138 -3.22 -12.36 14.00
N PHE A 139 -4.28 -12.59 13.23
CA PHE A 139 -5.25 -11.57 12.89
C PHE A 139 -6.36 -11.47 13.94
N ASP A 140 -6.57 -10.27 14.47
CA ASP A 140 -7.61 -10.04 15.48
C ASP A 140 -8.69 -9.14 14.90
N ARG A 141 -9.83 -9.73 14.59
CA ARG A 141 -10.88 -8.99 13.87
C ARG A 141 -11.51 -7.85 14.69
N ASP A 142 -11.35 -7.89 16.00
CA ASP A 142 -11.85 -6.79 16.83
C ASP A 142 -10.96 -5.56 16.74
N ARG A 143 -9.67 -5.78 16.53
N ARG A 143 -9.66 -5.74 16.51
CA ARG A 143 -8.69 -4.69 16.47
CA ARG A 143 -8.77 -4.57 16.47
C ARG A 143 -8.58 -4.14 15.06
C ARG A 143 -8.39 -4.12 15.06
N ILE A 144 -8.42 -5.05 14.11
CA ILE A 144 -8.07 -4.71 12.74
C ILE A 144 -9.35 -4.71 11.94
N LYS A 145 -9.96 -3.55 11.81
CA LYS A 145 -11.18 -3.45 11.03
C LYS A 145 -11.30 -2.06 10.39
N LYS A 146 -11.97 -1.99 9.24
CA LYS A 146 -12.17 -0.71 8.54
C LYS A 146 -12.69 0.36 9.49
N GLY A 147 -12.10 1.56 9.41
CA GLY A 147 -12.54 2.68 10.21
C GLY A 147 -11.83 2.83 11.54
N LYS A 148 -11.02 1.86 11.90
CA LYS A 148 -10.29 1.92 13.18
C LYS A 148 -9.04 2.77 13.05
N GLU A 149 -8.76 3.57 14.08
CA GLU A 149 -7.60 4.44 14.02
C GLU A 149 -6.41 3.69 14.56
N VAL A 150 -5.25 3.87 13.95
CA VAL A 150 -4.04 3.27 14.51
C VAL A 150 -3.02 4.35 14.73
N LYS A 151 -2.14 4.14 15.69
CA LYS A 151 -1.12 5.12 15.99
C LYS A 151 0.23 4.54 15.65
N GLN A 152 1.14 5.40 15.20
CA GLN A 152 2.52 5.01 14.97
C GLN A 152 3.07 4.17 16.13
N GLY A 153 3.62 3.00 15.79
CA GLY A 153 4.25 2.14 16.78
C GLY A 153 3.32 1.14 17.47
N GLU A 154 2.02 1.26 17.22
CA GLU A 154 1.03 0.38 17.82
C GLU A 154 1.18 -1.03 17.22
N MET A 155 1.02 -2.05 18.04
N MET A 155 1.05 -2.05 18.06
CA MET A 155 1.06 -3.44 17.55
CA MET A 155 1.03 -3.41 17.54
C MET A 155 -0.23 -3.83 16.81
C MET A 155 -0.25 -3.71 16.78
N LEU A 156 -0.11 -4.09 15.51
CA LEU A 156 -1.26 -4.52 14.72
C LEU A 156 -1.49 -6.03 14.85
N ALA A 157 -0.42 -6.78 15.11
CA ALA A 157 -0.54 -8.24 15.28
C ALA A 157 0.61 -8.75 16.14
N GLU A 158 0.32 -9.76 16.93
CA GLU A 158 1.33 -10.37 17.79
C GLU A 158 2.34 -11.17 16.96
N ALA A 159 3.46 -11.49 17.59
CA ALA A 159 4.45 -12.38 17.00
C ALA A 159 3.81 -13.72 16.66
N ARG A 160 4.21 -14.33 15.54
CA ARG A 160 3.60 -15.59 15.13
C ARG A 160 4.57 -16.74 15.45
N LYS A 161 4.08 -17.74 16.16
CA LYS A 161 4.92 -18.87 16.55
C LYS A 161 4.76 -20.03 15.57
N PHE A 162 5.86 -20.74 15.31
CA PHE A 162 5.83 -21.91 14.44
C PHE A 162 6.35 -23.12 15.18
N PHE A 163 5.61 -24.21 15.08
CA PHE A 163 5.93 -25.47 15.76
C PHE A 163 6.20 -26.57 14.74
N ALA A 164 7.16 -27.44 15.02
CA ALA A 164 7.54 -28.52 14.08
C ALA A 164 6.35 -29.37 13.72
N LYS A 165 6.12 -29.57 12.44
CA LYS A 165 5.02 -30.43 11.99
C LYS A 165 5.44 -31.91 11.97
N VAL A 166 6.74 -32.16 12.11
CA VAL A 166 7.27 -33.52 12.10
C VAL A 166 8.49 -33.61 13.00
N SER A 167 8.84 -34.82 13.42
CA SER A 167 10.03 -35.04 14.24
C SER A 167 11.21 -35.31 13.33
N GLY A 168 12.39 -34.86 13.71
CA GLY A 168 13.58 -35.13 12.90
C GLY A 168 14.72 -34.18 13.18
N ARG A 169 15.66 -34.11 12.26
CA ARG A 169 16.86 -33.30 12.45
C ARG A 169 16.80 -32.03 11.60
N VAL A 170 17.20 -30.92 12.21
CA VAL A 170 17.05 -29.59 11.64
C VAL A 170 18.22 -29.12 10.79
N GLU A 171 17.90 -28.56 9.63
CA GLU A 171 18.83 -27.76 8.84
C GLU A 171 18.30 -26.32 8.79
N VAL A 172 19.15 -25.34 9.06
CA VAL A 172 18.72 -23.94 8.96
C VAL A 172 19.46 -23.33 7.80
N VAL A 173 18.77 -22.54 7.00
CA VAL A 173 19.47 -21.84 5.93
C VAL A 173 19.07 -20.39 6.00
N ASP A 174 20.05 -19.49 5.88
CA ASP A 174 19.79 -18.07 5.99
C ASP A 174 20.16 -17.36 4.69
N TYR A 175 19.16 -16.86 3.96
CA TYR A 175 19.43 -16.08 2.76
C TYR A 175 19.26 -14.58 3.08
N SER A 176 19.46 -13.75 2.08
CA SER A 176 19.31 -12.31 2.27
C SER A 176 17.87 -11.98 2.55
N THR A 177 16.99 -12.66 1.83
CA THR A 177 15.59 -12.27 1.73
C THR A 177 14.63 -13.20 2.47
N ARG A 178 15.17 -14.24 3.10
CA ARG A 178 14.34 -15.17 3.85
C ARG A 178 15.21 -16.15 4.63
N LYS A 179 14.58 -16.86 5.56
CA LYS A 179 15.22 -17.95 6.31
C LYS A 179 14.41 -19.20 6.06
N GLU A 180 15.04 -20.37 6.13
CA GLU A 180 14.27 -21.60 6.07
C GLU A 180 14.69 -22.57 7.16
N ILE A 181 13.74 -23.38 7.62
CA ILE A 181 14.09 -24.52 8.44
C ILE A 181 13.62 -25.77 7.72
N ARG A 182 14.52 -26.74 7.57
N ARG A 182 14.52 -26.74 7.56
CA ARG A 182 14.16 -28.01 6.95
CA ARG A 182 14.14 -28.01 6.96
C ARG A 182 14.32 -29.12 7.98
C ARG A 182 14.24 -29.04 8.06
N ILE A 183 13.31 -29.97 8.11
CA ILE A 183 13.38 -31.07 9.06
C ILE A 183 13.45 -32.37 8.28
N TYR A 184 14.47 -33.19 8.61
CA TYR A 184 14.72 -34.46 7.89
C TYR A 184 14.49 -35.69 8.78
N LYS A 185 13.87 -36.74 8.23
CA LYS A 185 13.78 -38.01 8.95
C LYS A 185 15.18 -38.62 9.06
N THR A 186 15.47 -39.28 10.16
CA THR A 186 16.78 -39.88 10.40
C THR A 186 16.70 -41.40 10.37
N LYS A 187 17.85 -42.05 10.19
CA LYS A 187 17.97 -43.52 10.15
C LYS A 187 18.97 -43.98 11.21
N ARG A 188 18.72 -45.12 11.83
CA ARG A 188 19.65 -45.59 12.84
C ARG A 188 20.90 -46.15 12.17
N ARG A 189 22.07 -45.80 12.69
CA ARG A 189 23.28 -46.36 12.10
C ARG A 189 23.78 -47.54 12.91
N LYS A 190 24.59 -48.38 12.27
CA LYS A 190 25.08 -49.59 12.88
C LYS A 190 26.03 -49.28 14.02
N LEU A 191 25.86 -50.01 15.11
CA LEU A 191 26.71 -49.87 16.29
C LEU A 191 28.17 -50.12 15.94
N PHE A 192 28.93 -49.03 15.81
CA PHE A 192 30.33 -49.14 15.45
C PHE A 192 31.26 -48.48 16.46
N PRO A 193 32.07 -49.32 17.14
CA PRO A 193 33.08 -48.90 18.11
C PRO A 193 34.43 -48.67 17.43
N PRO B 1 -8.52 47.59 -1.30
CA PRO B 1 -7.95 48.16 -2.54
C PRO B 1 -9.01 48.40 -3.60
N GLU B 2 -8.57 48.70 -4.82
CA GLU B 2 -9.47 49.01 -5.92
C GLU B 2 -10.33 47.83 -6.36
N GLU B 3 -9.79 46.62 -6.20
CA GLU B 3 -10.53 45.40 -6.53
C GLU B 3 -10.80 44.63 -5.26
N VAL B 4 -11.95 43.96 -5.19
CA VAL B 4 -12.33 43.17 -4.03
C VAL B 4 -13.02 41.87 -4.45
N VAL B 5 -13.09 40.91 -3.53
N VAL B 5 -13.07 40.91 -3.52
CA VAL B 5 -13.81 39.68 -3.78
CA VAL B 5 -13.82 39.69 -3.75
C VAL B 5 -15.11 39.65 -2.98
C VAL B 5 -15.13 39.81 -3.00
N LEU B 6 -16.24 39.54 -3.68
CA LEU B 6 -17.53 39.54 -3.02
C LEU B 6 -17.69 38.24 -2.22
N ASP B 7 -18.37 38.34 -1.09
CA ASP B 7 -18.62 37.18 -0.23
C ASP B 7 -19.33 36.10 -1.01
N ALA B 8 -20.19 36.52 -1.94
CA ALA B 8 -21.00 35.61 -2.72
C ALA B 8 -20.23 34.83 -3.79
N THR B 9 -18.99 35.24 -4.07
CA THR B 9 -18.22 34.62 -5.15
C THR B 9 -17.62 33.24 -4.78
N SER B 10 -17.84 32.24 -5.63
N SER B 10 -17.85 32.25 -5.64
CA SER B 10 -17.23 30.94 -5.43
CA SER B 10 -17.22 30.94 -5.47
C SER B 10 -15.83 30.92 -6.05
C SER B 10 -15.80 30.99 -6.01
N PRO B 11 -14.92 30.12 -5.49
CA PRO B 11 -13.54 30.09 -6.01
C PRO B 11 -13.53 29.65 -7.47
N SER B 12 -12.63 30.18 -8.28
CA SER B 12 -12.47 29.71 -9.65
C SER B 12 -11.47 28.55 -9.74
N GLU B 13 -10.62 28.40 -8.73
CA GLU B 13 -9.70 27.27 -8.63
C GLU B 13 -9.53 26.92 -7.15
N ARG B 14 -9.47 25.62 -6.86
CA ARG B 14 -9.09 25.15 -5.53
C ARG B 14 -7.93 24.18 -5.67
N LEU B 15 -6.94 24.32 -4.79
N LEU B 15 -6.93 24.36 -4.81
CA LEU B 15 -5.78 23.43 -4.79
CA LEU B 15 -5.78 23.47 -4.73
C LEU B 15 -5.50 22.92 -3.38
C LEU B 15 -5.70 22.94 -3.32
N ILE B 16 -5.68 21.62 -3.17
CA ILE B 16 -5.47 21.02 -1.85
C ILE B 16 -4.11 20.33 -1.90
N LEU B 17 -3.16 20.83 -1.11
CA LEU B 17 -1.76 20.40 -1.20
C LEU B 17 -1.32 19.71 0.09
N SER B 18 -0.24 18.94 0.01
CA SER B 18 0.31 18.27 1.19
C SER B 18 1.07 19.25 2.08
N PRO B 19 1.32 18.84 3.33
CA PRO B 19 2.03 19.71 4.29
C PRO B 19 3.45 20.01 3.84
N LYS B 20 3.97 19.24 2.89
CA LYS B 20 5.33 19.43 2.41
C LYS B 20 5.37 20.41 1.24
N ALA B 21 4.19 20.85 0.78
CA ALA B 21 4.16 21.72 -0.39
C ALA B 21 4.80 23.08 -0.10
N LYS B 22 5.50 23.61 -1.10
N LYS B 22 5.54 23.59 -1.08
CA LYS B 22 6.10 24.94 -1.02
CA LYS B 22 6.09 24.94 -0.99
C LYS B 22 5.17 25.96 -1.68
C LYS B 22 5.11 25.91 -1.63
N LEU B 23 4.75 26.98 -0.91
CA LEU B 23 3.83 27.98 -1.43
C LEU B 23 4.56 29.21 -1.96
N HIS B 24 4.08 29.76 -3.06
CA HIS B 24 4.72 30.95 -3.61
C HIS B 24 3.80 32.16 -3.58
N VAL B 25 2.71 32.06 -2.82
CA VAL B 25 1.77 33.16 -2.63
C VAL B 25 1.34 33.20 -1.17
N ASN B 26 1.07 34.41 -0.67
CA ASN B 26 0.54 34.61 0.67
C ASN B 26 -0.95 34.89 0.62
N ASN B 27 -1.62 34.66 1.74
CA ASN B 27 -3.04 34.92 1.84
C ASN B 27 -3.39 36.36 1.48
N GLY B 28 -4.40 36.53 0.63
CA GLY B 28 -4.90 37.86 0.29
C GLY B 28 -4.22 38.57 -0.87
N LYS B 29 -3.24 37.92 -1.48
CA LYS B 29 -2.49 38.58 -2.53
C LYS B 29 -3.08 38.28 -3.92
N ASP B 30 -2.81 39.18 -4.86
CA ASP B 30 -3.27 39.03 -6.23
C ASP B 30 -2.31 38.16 -7.03
N VAL B 31 -2.86 37.33 -7.91
CA VAL B 31 -2.04 36.59 -8.85
C VAL B 31 -2.58 36.73 -10.26
N ASN B 32 -1.70 36.56 -11.24
CA ASN B 32 -2.12 36.53 -12.62
C ASN B 32 -2.07 35.12 -13.18
N LYS B 33 -2.97 34.84 -14.12
CA LYS B 33 -2.93 33.59 -14.84
C LYS B 33 -1.49 33.22 -15.25
N GLY B 34 -1.07 32.01 -14.93
CA GLY B 34 0.26 31.54 -15.28
C GLY B 34 1.32 31.73 -14.21
N ASP B 35 1.01 32.46 -13.15
CA ASP B 35 1.96 32.64 -12.05
C ASP B 35 2.17 31.29 -11.35
N LEU B 36 3.40 31.03 -10.97
CA LEU B 36 3.70 29.87 -10.15
C LEU B 36 3.11 30.13 -8.77
N ILE B 37 2.26 29.23 -8.27
CA ILE B 37 1.65 29.45 -6.96
C ILE B 37 2.07 28.42 -5.90
N ALA B 38 2.50 27.25 -6.36
CA ALA B 38 2.89 26.21 -5.41
C ALA B 38 3.72 25.17 -6.10
N GLU B 39 4.44 24.37 -5.32
CA GLU B 39 5.20 23.24 -5.83
C GLU B 39 5.21 22.10 -4.79
N GLU B 40 4.92 20.88 -5.23
CA GLU B 40 5.09 19.68 -4.39
C GLU B 40 6.47 19.07 -4.67
N PRO B 41 7.10 18.47 -3.66
CA PRO B 41 8.41 17.84 -3.86
C PRO B 41 8.29 16.59 -4.70
N PRO B 42 9.42 16.09 -5.21
CA PRO B 42 9.35 14.87 -6.02
C PRO B 42 8.89 13.70 -5.16
N ILE B 43 8.46 12.63 -5.81
CA ILE B 43 8.13 11.39 -5.12
C ILE B 43 9.34 10.47 -5.25
N TYR B 44 9.87 10.02 -4.12
CA TYR B 44 11.04 9.15 -4.09
C TYR B 44 10.66 7.74 -3.65
N ALA B 45 11.37 6.73 -4.17
CA ALA B 45 11.13 5.36 -3.72
C ALA B 45 11.64 5.18 -2.30
N ARG B 46 10.77 4.70 -1.44
CA ARG B 46 11.12 4.50 -0.05
C ARG B 46 12.07 3.30 0.13
N ARG B 47 11.83 2.25 -0.65
CA ARG B 47 12.60 1.01 -0.55
C ARG B 47 12.86 0.44 -1.94
N SER B 48 13.97 -0.27 -2.09
CA SER B 48 14.27 -0.96 -3.34
C SER B 48 13.29 -2.10 -3.57
N GLY B 49 12.94 -2.35 -4.82
CA GLY B 49 12.05 -3.45 -5.13
C GLY B 49 11.68 -3.45 -6.60
N VAL B 50 10.59 -4.12 -6.96
CA VAL B 50 10.15 -4.11 -8.36
C VAL B 50 8.70 -3.65 -8.42
N ILE B 51 8.35 -2.92 -9.47
CA ILE B 51 6.98 -2.47 -9.65
C ILE B 51 6.15 -3.68 -10.06
N VAL B 52 5.13 -4.00 -9.28
CA VAL B 52 4.31 -5.17 -9.57
C VAL B 52 2.91 -4.78 -9.98
N ASP B 53 2.59 -3.50 -9.91
CA ASP B 53 1.28 -3.09 -10.40
C ASP B 53 1.24 -1.61 -10.66
N VAL B 54 0.51 -1.20 -11.71
CA VAL B 54 0.24 0.21 -12.00
C VAL B 54 -1.24 0.30 -12.42
N LYS B 55 -2.04 1.08 -11.69
CA LYS B 55 -3.49 1.06 -11.89
C LYS B 55 -4.05 2.48 -11.95
N ASN B 56 -5.07 2.73 -12.77
CA ASN B 56 -5.74 4.02 -12.76
C ASN B 56 -6.70 4.16 -11.59
N VAL B 57 -6.60 5.28 -10.88
CA VAL B 57 -7.55 5.57 -9.81
C VAL B 57 -7.97 7.02 -9.92
N ARG B 58 -9.04 7.36 -9.21
CA ARG B 58 -9.49 8.74 -9.16
C ARG B 58 -9.39 9.15 -7.70
N LYS B 59 -8.64 10.20 -7.43
CA LYS B 59 -8.61 10.74 -6.08
C LYS B 59 -9.72 11.76 -5.92
N ILE B 60 -10.59 11.55 -4.94
CA ILE B 60 -11.63 12.52 -4.66
C ILE B 60 -11.52 13.00 -3.23
N VAL B 61 -11.44 14.32 -3.04
CA VAL B 61 -11.38 14.90 -1.71
C VAL B 61 -12.70 15.62 -1.43
N VAL B 62 -13.22 15.40 -0.22
CA VAL B 62 -14.45 16.02 0.23
C VAL B 62 -14.18 16.85 1.48
N GLU B 63 -14.80 18.02 1.57
CA GLU B 63 -14.52 18.93 2.68
C GLU B 63 -15.81 19.54 3.20
N THR B 64 -15.91 19.61 4.51
CA THR B 64 -17.05 20.26 5.14
C THR B 64 -16.96 21.76 4.86
N ILE B 65 -18.09 22.42 4.88
CA ILE B 65 -18.16 23.82 4.51
C ILE B 65 -17.35 24.68 5.49
N ASP B 66 -17.41 24.31 6.75
CA ASP B 66 -16.66 25.02 7.79
C ASP B 66 -15.18 24.63 7.77
N ARG B 67 -14.83 23.77 6.81
CA ARG B 67 -13.44 23.36 6.59
C ARG B 67 -12.77 22.66 7.76
N LYS B 68 -13.56 22.24 8.75
CA LYS B 68 -13.01 21.47 9.86
C LYS B 68 -12.51 20.08 9.47
N TYR B 69 -13.24 19.40 8.58
CA TYR B 69 -12.90 18.01 8.24
C TYR B 69 -12.79 17.76 6.74
N THR B 70 -11.92 16.82 6.36
CA THR B 70 -11.84 16.35 4.99
C THR B 70 -11.74 14.83 4.95
N LYS B 71 -12.10 14.25 3.81
CA LYS B 71 -11.80 12.84 3.58
C LYS B 71 -11.35 12.64 2.14
N THR B 72 -10.34 11.78 1.97
CA THR B 72 -9.76 11.54 0.67
C THR B 72 -10.04 10.10 0.28
N TYR B 73 -10.56 9.91 -0.93
CA TYR B 73 -10.87 8.57 -1.42
C TYR B 73 -10.05 8.29 -2.67
N TYR B 74 -9.31 7.17 -2.66
CA TYR B 74 -8.56 6.75 -3.83
C TYR B 74 -9.33 5.62 -4.46
N ILE B 75 -10.13 5.94 -5.47
CA ILE B 75 -11.12 4.99 -6.00
C ILE B 75 -10.59 4.43 -7.31
N PRO B 76 -10.46 3.09 -7.41
CA PRO B 76 -9.96 2.63 -8.71
C PRO B 76 -10.99 2.89 -9.79
N GLU B 77 -10.53 3.17 -10.99
CA GLU B 77 -11.45 3.43 -12.09
C GLU B 77 -12.30 2.18 -12.34
N SER B 78 -11.80 1.02 -11.94
CA SER B 78 -12.51 -0.23 -12.16
C SER B 78 -13.68 -0.43 -11.20
N ALA B 79 -13.82 0.47 -10.23
CA ALA B 79 -14.95 0.43 -9.30
C ALA B 79 -16.09 1.31 -9.79
N GLY B 80 -15.86 2.03 -10.88
CA GLY B 80 -16.87 2.91 -11.45
C GLY B 80 -17.02 4.21 -10.67
N ILE B 81 -16.77 5.33 -11.33
CA ILE B 81 -16.94 6.63 -10.68
C ILE B 81 -18.23 7.33 -11.15
N GLU B 82 -19.04 7.74 -10.18
CA GLU B 82 -20.37 8.31 -10.45
C GLU B 82 -20.34 9.58 -11.31
N PRO B 83 -21.36 9.75 -12.15
CA PRO B 83 -21.49 10.77 -13.20
C PRO B 83 -21.52 12.25 -12.76
N GLY B 84 -22.24 12.59 -11.70
CA GLY B 84 -22.44 13.99 -11.36
C GLY B 84 -21.36 14.66 -10.51
N LEU B 85 -20.16 14.10 -10.49
CA LEU B 85 -19.11 14.55 -9.59
C LEU B 85 -18.14 15.56 -10.21
N ARG B 86 -18.13 16.78 -9.68
CA ARG B 86 -17.18 17.80 -10.13
C ARG B 86 -16.65 18.60 -8.95
N VAL B 87 -15.56 19.34 -9.17
CA VAL B 87 -15.03 20.18 -8.12
C VAL B 87 -16.08 21.23 -7.81
N GLY B 88 -16.54 21.24 -6.57
CA GLY B 88 -17.54 22.20 -6.15
C GLY B 88 -18.92 21.62 -5.92
N THR B 89 -19.16 20.35 -6.25
CA THR B 89 -20.51 19.82 -6.05
C THR B 89 -20.81 19.41 -4.61
N LYS B 90 -22.01 19.74 -4.16
CA LYS B 90 -22.45 19.45 -2.80
C LYS B 90 -22.67 17.95 -2.64
N VAL B 91 -22.20 17.42 -1.52
CA VAL B 91 -22.24 15.99 -1.29
C VAL B 91 -22.81 15.73 0.08
N LYS B 92 -23.51 14.63 0.23
CA LYS B 92 -24.14 14.31 1.49
C LYS B 92 -23.60 12.99 2.02
N GLN B 93 -23.44 12.92 3.33
CA GLN B 93 -23.01 11.71 3.99
C GLN B 93 -23.95 10.56 3.61
N GLY B 94 -23.39 9.51 3.02
CA GLY B 94 -24.16 8.39 2.53
C GLY B 94 -24.20 8.31 1.00
N LEU B 95 -23.81 9.41 0.37
CA LEU B 95 -23.78 9.47 -1.08
C LEU B 95 -22.71 8.52 -1.63
N PRO B 96 -23.13 7.58 -2.51
CA PRO B 96 -22.16 6.67 -3.13
C PRO B 96 -21.26 7.43 -4.10
N LEU B 97 -19.95 7.25 -3.95
CA LEU B 97 -18.99 7.87 -4.86
C LEU B 97 -18.61 6.90 -5.97
N SER B 98 -18.66 5.61 -5.69
CA SER B 98 -18.36 4.59 -6.69
C SER B 98 -19.59 3.72 -6.94
N LYS B 99 -19.60 3.02 -8.07
CA LYS B 99 -20.76 2.21 -8.46
C LYS B 99 -20.82 0.87 -7.76
N ASN B 100 -19.67 0.19 -7.66
CA ASN B 100 -19.61 -1.04 -6.87
C ASN B 100 -19.85 -0.68 -5.40
N GLU B 101 -20.04 0.62 -5.17
CA GLU B 101 -20.41 1.19 -3.88
C GLU B 101 -19.61 0.65 -2.69
N GLU B 102 -18.31 0.49 -2.89
CA GLU B 102 -17.38 0.19 -1.81
C GLU B 102 -16.81 1.50 -1.32
N TYR B 103 -17.27 2.59 -1.92
CA TYR B 103 -16.78 3.92 -1.61
C TYR B 103 -17.96 4.86 -1.40
N ILE B 104 -18.27 5.12 -0.15
CA ILE B 104 -19.40 5.99 0.20
C ILE B 104 -18.95 7.27 0.90
N CYS B 105 -19.45 8.41 0.42
CA CYS B 105 -19.06 9.69 0.98
C CYS B 105 -19.46 9.79 2.46
N GLU B 106 -18.49 10.06 3.33
CA GLU B 106 -18.73 10.01 4.77
C GLU B 106 -18.95 11.36 5.45
N LEU B 107 -19.13 12.43 4.66
CA LEU B 107 -19.48 13.71 5.26
C LEU B 107 -20.30 14.62 4.36
N ASP B 108 -21.00 15.56 4.98
CA ASP B 108 -21.72 16.59 4.24
C ASP B 108 -20.75 17.73 3.96
N GLY B 109 -20.75 18.19 2.72
CA GLY B 109 -19.82 19.23 2.33
C GLY B 109 -19.77 19.36 0.82
N LYS B 110 -18.58 19.57 0.29
CA LYS B 110 -18.39 19.72 -1.15
C LYS B 110 -17.14 18.97 -1.59
N ILE B 111 -17.17 18.47 -2.82
CA ILE B 111 -15.97 17.92 -3.43
C ILE B 111 -15.02 19.07 -3.75
N VAL B 112 -13.81 19.00 -3.22
CA VAL B 112 -12.85 20.08 -3.45
C VAL B 112 -11.71 19.68 -4.37
N GLU B 113 -11.58 18.38 -4.64
CA GLU B 113 -10.61 17.88 -5.61
C GLU B 113 -11.13 16.58 -6.21
N ILE B 114 -10.98 16.44 -7.52
CA ILE B 114 -11.17 15.16 -8.14
C ILE B 114 -10.15 15.03 -9.26
N GLU B 115 -9.26 14.06 -9.15
CA GLU B 115 -8.13 14.01 -10.05
C GLU B 115 -7.79 12.57 -10.40
N ARG B 116 -7.40 12.35 -11.65
CA ARG B 116 -6.94 11.03 -12.07
C ARG B 116 -5.48 10.81 -11.66
N MET B 117 -5.15 9.61 -11.20
CA MET B 117 -3.79 9.35 -10.77
C MET B 117 -3.39 7.93 -11.13
N LYS B 118 -2.11 7.64 -10.96
CA LYS B 118 -1.61 6.28 -11.13
C LYS B 118 -1.22 5.71 -9.77
N LYS B 119 -1.82 4.57 -9.40
CA LYS B 119 -1.42 3.85 -8.21
C LYS B 119 -0.28 2.90 -8.60
N VAL B 120 0.86 3.06 -7.96
CA VAL B 120 2.05 2.28 -8.30
C VAL B 120 2.45 1.46 -7.09
N VAL B 121 2.55 0.14 -7.25
CA VAL B 121 2.92 -0.74 -6.13
C VAL B 121 4.30 -1.32 -6.36
N VAL B 122 5.18 -1.17 -5.38
CA VAL B 122 6.52 -1.69 -5.45
C VAL B 122 6.63 -2.80 -4.40
N GLN B 123 7.16 -3.95 -4.81
CA GLN B 123 7.30 -5.08 -3.89
C GLN B 123 8.78 -5.31 -3.66
N THR B 124 9.18 -5.40 -2.41
CA THR B 124 10.58 -5.51 -2.04
C THR B 124 10.99 -6.97 -2.18
N PRO B 125 12.29 -7.24 -2.17
CA PRO B 125 12.77 -8.62 -2.32
C PRO B 125 12.27 -9.56 -1.21
N ASP B 126 12.03 -9.04 -0.01
CA ASP B 126 11.48 -9.86 1.07
C ASP B 126 9.94 -9.88 1.11
N GLY B 127 9.28 -9.34 0.09
CA GLY B 127 7.86 -9.54 0.00
C GLY B 127 6.96 -8.46 0.60
N GLU B 128 7.53 -7.32 1.00
CA GLU B 128 6.68 -6.22 1.50
C GLU B 128 6.32 -5.28 0.34
N GLN B 129 5.29 -4.46 0.54
CA GLN B 129 4.84 -3.57 -0.53
C GLN B 129 4.77 -2.14 -0.06
N ASP B 130 5.10 -1.24 -0.98
CA ASP B 130 4.91 0.18 -0.80
C ASP B 130 3.96 0.63 -1.90
N VAL B 131 3.12 1.62 -1.59
CA VAL B 131 2.14 2.10 -2.55
C VAL B 131 2.30 3.60 -2.76
N TYR B 132 2.28 4.02 -4.02
CA TYR B 132 2.46 5.43 -4.38
C TYR B 132 1.32 5.87 -5.28
N TYR B 133 0.85 7.10 -5.09
CA TYR B 133 -0.16 7.65 -5.96
C TYR B 133 0.50 8.83 -6.68
N ILE B 134 0.56 8.73 -8.00
CA ILE B 134 1.31 9.66 -8.82
C ILE B 134 0.37 10.42 -9.74
N PRO B 135 0.34 11.76 -9.64
CA PRO B 135 -0.51 12.57 -10.52
C PRO B 135 -0.12 12.37 -11.97
N LEU B 136 -1.11 12.34 -12.87
CA LEU B 136 -0.83 12.16 -14.29
C LEU B 136 0.22 13.09 -14.87
N ASP B 137 0.22 14.36 -14.44
CA ASP B 137 1.11 15.33 -15.08
C ASP B 137 2.60 15.17 -14.73
N VAL B 138 2.91 14.35 -13.73
CA VAL B 138 4.31 13.99 -13.50
C VAL B 138 4.56 12.48 -13.67
N PHE B 139 3.61 11.79 -14.31
CA PHE B 139 3.74 10.33 -14.55
C PHE B 139 4.40 10.03 -15.88
N ASP B 140 5.47 9.24 -15.87
CA ASP B 140 6.16 8.82 -17.10
C ASP B 140 5.86 7.35 -17.36
N ARG B 141 4.94 7.05 -18.28
CA ARG B 141 4.41 5.69 -18.43
C ARG B 141 5.40 4.78 -19.13
N ASP B 142 6.42 5.38 -19.74
CA ASP B 142 7.46 4.62 -20.41
C ASP B 142 8.56 4.20 -19.43
N ARG B 143 8.56 4.75 -18.23
CA ARG B 143 9.56 4.41 -17.21
C ARG B 143 8.93 3.69 -16.01
N ILE B 144 7.77 4.17 -15.59
CA ILE B 144 7.08 3.63 -14.44
C ILE B 144 6.06 2.62 -14.94
N LYS B 145 6.45 1.36 -14.92
CA LYS B 145 5.60 0.30 -15.45
C LYS B 145 5.94 -1.03 -14.78
N LYS B 146 5.01 -1.96 -14.81
CA LYS B 146 5.24 -3.27 -14.20
C LYS B 146 6.58 -3.82 -14.65
N GLY B 147 7.36 -4.34 -13.71
CA GLY B 147 8.62 -4.98 -14.06
C GLY B 147 9.85 -4.12 -13.88
N LYS B 148 9.68 -2.80 -13.78
CA LYS B 148 10.84 -1.94 -13.55
C LYS B 148 11.40 -2.19 -12.16
N GLU B 149 12.72 -2.26 -12.07
CA GLU B 149 13.41 -2.34 -10.79
C GLU B 149 13.58 -0.90 -10.27
N VAL B 150 13.38 -0.74 -8.98
CA VAL B 150 13.40 0.56 -8.36
C VAL B 150 14.43 0.48 -7.27
N LYS B 151 15.21 1.54 -7.11
CA LYS B 151 16.22 1.59 -6.06
C LYS B 151 15.75 2.58 -5.01
N GLN B 152 15.97 2.26 -3.75
CA GLN B 152 15.71 3.22 -2.69
C GLN B 152 16.29 4.58 -3.05
N GLY B 153 15.46 5.61 -2.94
CA GLY B 153 15.92 6.98 -3.12
C GLY B 153 15.79 7.51 -4.53
N GLU B 154 15.56 6.64 -5.50
CA GLU B 154 15.38 7.11 -6.88
C GLU B 154 14.07 7.87 -7.00
N MET B 155 14.04 8.82 -7.92
N MET B 155 14.06 8.85 -7.87
CA MET B 155 12.87 9.64 -8.12
CA MET B 155 12.86 9.63 -8.11
C MET B 155 11.84 8.93 -8.98
C MET B 155 11.88 8.81 -8.93
N LEU B 156 10.67 8.64 -8.40
CA LEU B 156 9.59 7.98 -9.15
C LEU B 156 8.78 9.00 -9.96
N ALA B 157 8.73 10.22 -9.45
CA ALA B 157 8.13 11.34 -10.19
C ALA B 157 8.82 12.63 -9.79
N GLU B 158 8.96 13.53 -10.75
CA GLU B 158 9.57 14.85 -10.48
C GLU B 158 8.69 15.76 -9.63
N ALA B 159 9.29 16.80 -9.08
CA ALA B 159 8.53 17.85 -8.39
C ALA B 159 7.42 18.40 -9.28
N ARG B 160 6.27 18.64 -8.69
CA ARG B 160 5.11 19.09 -9.47
C ARG B 160 4.84 20.57 -9.22
N LYS B 161 4.91 21.38 -10.27
CA LYS B 161 4.61 22.81 -10.11
C LYS B 161 3.15 23.12 -10.43
N PHE B 162 2.58 24.10 -9.75
CA PHE B 162 1.19 24.51 -9.99
C PHE B 162 1.16 25.97 -10.42
N PHE B 163 0.55 26.25 -11.57
CA PHE B 163 0.46 27.61 -12.07
C PHE B 163 -0.99 28.06 -12.03
N ALA B 164 -1.22 29.31 -11.64
CA ALA B 164 -2.58 29.83 -11.52
C ALA B 164 -3.29 29.69 -12.86
N LYS B 165 -4.50 29.16 -12.82
CA LYS B 165 -5.26 28.90 -14.04
C LYS B 165 -6.11 30.12 -14.34
N VAL B 166 -6.13 31.06 -13.41
CA VAL B 166 -6.96 32.25 -13.47
C VAL B 166 -6.29 33.42 -12.75
N SER B 167 -6.59 34.65 -13.17
CA SER B 167 -6.12 35.84 -12.45
C SER B 167 -7.14 36.19 -11.36
N GLY B 168 -6.64 36.66 -10.22
CA GLY B 168 -7.53 36.94 -9.10
C GLY B 168 -6.80 37.05 -7.78
N ARG B 169 -7.56 36.87 -6.70
CA ARG B 169 -7.03 37.06 -5.37
C ARG B 169 -7.08 35.70 -4.69
N VAL B 170 -5.98 35.36 -4.02
CA VAL B 170 -5.85 34.03 -3.42
C VAL B 170 -6.16 34.03 -1.92
N GLU B 171 -6.87 33.01 -1.49
CA GLU B 171 -6.99 32.70 -0.07
C GLU B 171 -6.06 31.52 0.18
N VAL B 172 -5.13 31.66 1.11
CA VAL B 172 -4.28 30.52 1.44
C VAL B 172 -4.37 30.19 2.92
N VAL B 173 -4.56 28.91 3.23
CA VAL B 173 -4.75 28.50 4.61
C VAL B 173 -3.99 27.20 4.87
N ASP B 174 -3.23 27.18 5.96
N ASP B 174 -3.22 27.18 5.96
CA ASP B 174 -2.48 26.00 6.34
CA ASP B 174 -2.48 26.00 6.34
C ASP B 174 -3.18 25.28 7.49
N TYR B 175 -3.51 24.02 7.27
CA TYR B 175 -4.07 23.18 8.32
C TYR B 175 -2.98 22.18 8.68
N SER B 176 -3.13 21.43 9.75
CA SER B 176 -2.02 20.58 10.16
C SER B 176 -1.72 19.54 9.08
N THR B 177 -2.76 19.16 8.34
CA THR B 177 -2.76 17.96 7.52
C THR B 177 -2.76 18.28 6.03
N ARG B 178 -2.92 19.55 5.70
CA ARG B 178 -3.01 19.95 4.30
C ARG B 178 -2.89 21.49 4.20
N LYS B 179 -2.55 21.98 3.01
CA LYS B 179 -2.51 23.41 2.70
C LYS B 179 -3.50 23.63 1.57
N GLU B 180 -4.26 24.72 1.64
CA GLU B 180 -5.30 24.96 0.65
C GLU B 180 -5.15 26.34 0.02
N ILE B 181 -5.22 26.38 -1.30
CA ILE B 181 -5.24 27.63 -2.03
C ILE B 181 -6.55 27.76 -2.82
N ARG B 182 -7.21 28.91 -2.72
CA ARG B 182 -8.41 29.19 -3.51
C ARG B 182 -8.20 30.51 -4.25
N ILE B 183 -8.48 30.54 -5.55
CA ILE B 183 -8.37 31.77 -6.30
C ILE B 183 -9.77 32.30 -6.61
N TYR B 184 -10.03 33.57 -6.27
CA TYR B 184 -11.33 34.18 -6.50
C TYR B 184 -11.20 35.35 -7.47
N LYS B 185 -12.12 35.42 -8.43
CA LYS B 185 -12.25 36.59 -9.29
C LYS B 185 -12.59 37.81 -8.44
N THR B 186 -12.03 38.96 -8.81
CA THR B 186 -12.30 40.21 -8.11
C THR B 186 -13.23 41.10 -8.93
N LYS B 187 -13.76 42.14 -8.29
CA LYS B 187 -14.59 43.14 -8.96
C LYS B 187 -14.12 44.52 -8.58
N ARG B 188 -14.18 45.47 -9.53
CA ARG B 188 -13.74 46.83 -9.26
C ARG B 188 -14.72 47.49 -8.31
N ARG B 189 -14.22 48.16 -7.28
CA ARG B 189 -15.12 48.84 -6.36
C ARG B 189 -15.12 50.32 -6.64
N LYS B 190 -16.22 50.98 -6.26
N LYS B 190 -16.21 50.99 -6.26
CA LYS B 190 -16.32 52.43 -6.32
CA LYS B 190 -16.28 52.45 -6.37
C LYS B 190 -15.57 52.98 -5.11
C LYS B 190 -15.64 53.05 -5.12
N LEU B 191 -14.79 54.04 -5.32
CA LEU B 191 -14.08 54.66 -4.20
C LEU B 191 -14.71 56.01 -3.85
N PHE B 192 -14.66 56.36 -2.57
CA PHE B 192 -15.23 57.60 -2.08
C PHE B 192 -14.17 58.46 -1.41
N PRO B 193 -13.38 59.17 -2.22
CA PRO B 193 -12.29 60.04 -1.75
C PRO B 193 -12.68 60.85 -0.52
#